data_6R68
#
_entry.id   6R68
#
_cell.length_a   42.582
_cell.length_b   85.072
_cell.length_c   64.947
_cell.angle_alpha   90.00
_cell.angle_beta   90.00
_cell.angle_gamma   90.00
#
_symmetry.space_group_name_H-M   'P 21 21 2'
#
loop_
_entity.id
_entity.type
_entity.pdbx_description
1 polymer Transthyretin
2 non-polymer '(2~{R})-2-[4-[3,5-bis(chloranyl)phenyl]-3-fluoranyl-phenyl]propanoic acid'
3 water water
#
_entity_poly.entity_id   1
_entity_poly.type   'polypeptide(L)'
_entity_poly.pdbx_seq_one_letter_code
;MASHRLLLLCLAGLVFVSEAGPTGTGESKCPLMVKVLDAVRGSPAINVAVHVFRKAADDTWEPFASGKTSESGELHGLTT
EEEFVEGIYKVEIDTKSYWKALGISPFHEHAEVVFTANDSGPRRYTIAALLSPYSYSTTAVVTNPKE
;
_entity_poly.pdbx_strand_id   A,B
#
loop_
_chem_comp.id
_chem_comp.type
_chem_comp.name
_chem_comp.formula
JTK non-polymer '(2~{R})-2-[4-[3,5-bis(chloranyl)phenyl]-3-fluoranyl-phenyl]propanoic acid' 'C15 H11 Cl2 F O2'
#
# COMPACT_ATOMS: atom_id res chain seq x y z
N CYS A 30 -3.27 20.21 -12.79
CA CYS A 30 -3.45 19.36 -11.57
C CYS A 30 -2.58 18.12 -11.73
N PRO A 31 -1.33 18.16 -11.20
CA PRO A 31 -0.40 17.10 -11.56
C PRO A 31 -0.52 15.85 -10.68
N LEU A 32 -1.24 15.94 -9.57
CA LEU A 32 -1.40 14.80 -8.65
C LEU A 32 -2.84 14.71 -8.22
N MET A 33 -3.53 13.64 -8.59
N MET A 33 -3.53 13.62 -8.56
CA MET A 33 -4.93 13.41 -8.24
CA MET A 33 -5.00 13.43 -8.38
C MET A 33 -5.07 12.04 -7.61
C MET A 33 -5.26 12.02 -7.82
N VAL A 34 -6.07 11.90 -6.76
CA VAL A 34 -6.38 10.61 -6.12
C VAL A 34 -7.84 10.32 -6.34
N LYS A 35 -8.18 9.09 -6.70
N LYS A 35 -8.15 9.11 -6.77
CA LYS A 35 -9.58 8.68 -7.00
CA LYS A 35 -9.54 8.65 -6.98
C LYS A 35 -9.85 7.34 -6.35
C LYS A 35 -9.75 7.38 -6.17
N VAL A 36 -10.87 7.27 -5.49
CA VAL A 36 -11.09 6.09 -4.62
C VAL A 36 -12.51 5.61 -4.83
N LEU A 37 -12.65 4.32 -5.01
CA LEU A 37 -13.97 3.64 -5.15
C LEU A 37 -14.14 2.67 -3.99
N ASP A 38 -15.40 2.42 -3.68
CA ASP A 38 -15.82 1.49 -2.60
C ASP A 38 -16.41 0.23 -3.23
N ALA A 39 -15.77 -0.90 -3.01
CA ALA A 39 -16.13 -2.19 -3.63
C ALA A 39 -17.30 -2.87 -2.90
N VAL A 40 -17.71 -2.36 -1.76
CA VAL A 40 -18.84 -2.95 -0.98
C VAL A 40 -20.12 -2.27 -1.39
N ARG A 41 -20.10 -0.96 -1.51
CA ARG A 41 -21.33 -0.18 -1.83
C ARG A 41 -21.46 0.02 -3.32
N GLY A 42 -20.42 -0.19 -4.11
CA GLY A 42 -20.52 0.11 -5.55
C GLY A 42 -20.69 1.59 -5.79
N SER A 43 -19.76 2.39 -5.27
N SER A 43 -19.83 2.39 -5.15
CA SER A 43 -19.94 3.86 -5.18
CA SER A 43 -19.94 3.87 -5.15
C SER A 43 -18.57 4.49 -5.09
C SER A 43 -18.54 4.47 -5.17
N PRO A 44 -18.43 5.80 -5.41
CA PRO A 44 -17.24 6.50 -4.98
C PRO A 44 -17.06 6.34 -3.49
N ALA A 45 -15.80 6.34 -3.07
CA ALA A 45 -15.44 6.40 -1.64
C ALA A 45 -15.28 7.89 -1.27
N ILE A 46 -16.26 8.37 -0.53
N ILE A 46 -16.30 8.44 -0.63
CA ILE A 46 -16.44 9.81 -0.21
CA ILE A 46 -16.39 9.89 -0.35
C ILE A 46 -15.74 10.09 1.10
C ILE A 46 -15.76 10.18 1.02
N ASN A 47 -15.17 11.28 1.21
N ASN A 47 -15.16 11.34 1.13
CA ASN A 47 -14.62 11.76 2.49
CA ASN A 47 -14.59 11.85 2.40
C ASN A 47 -13.47 10.87 2.95
C ASN A 47 -13.47 10.92 2.91
N VAL A 48 -12.68 10.36 2.00
CA VAL A 48 -11.45 9.61 2.34
C VAL A 48 -10.34 10.63 2.53
N ALA A 49 -9.74 10.64 3.71
CA ALA A 49 -8.58 11.53 3.94
C ALA A 49 -7.34 10.94 3.29
N VAL A 50 -6.54 11.86 2.69
CA VAL A 50 -5.31 11.49 1.98
C VAL A 50 -4.21 12.44 2.45
N HIS A 51 -3.09 11.86 2.85
CA HIS A 51 -1.91 12.67 3.21
C HIS A 51 -0.75 12.28 2.31
N VAL A 52 -0.09 13.28 1.73
CA VAL A 52 1.02 13.07 0.80
C VAL A 52 2.29 13.57 1.49
N PHE A 53 3.33 12.79 1.39
CA PHE A 53 4.65 13.07 1.96
C PHE A 53 5.66 13.03 0.84
N ARG A 54 6.77 13.73 1.04
CA ARG A 54 7.91 13.71 0.10
C ARG A 54 9.14 13.40 0.90
N LYS A 55 9.99 12.54 0.41
CA LYS A 55 11.23 12.18 1.14
C LYS A 55 12.23 13.33 1.05
N ALA A 56 12.69 13.81 2.24
CA ALA A 56 13.54 15.02 2.36
C ALA A 56 14.99 14.58 2.20
N ALA A 57 15.88 15.58 2.11
CA ALA A 57 17.33 15.39 1.96
C ALA A 57 17.88 14.50 3.07
N ASP A 58 17.26 14.50 4.25
CA ASP A 58 17.70 13.73 5.45
C ASP A 58 17.05 12.36 5.46
N ASP A 59 16.25 12.01 4.44
CA ASP A 59 15.61 10.68 4.29
C ASP A 59 14.38 10.50 5.20
N THR A 60 13.85 11.55 5.81
CA THR A 60 12.56 11.50 6.54
C THR A 60 11.40 11.79 5.58
N TRP A 61 10.19 11.39 5.97
CA TRP A 61 8.96 11.75 5.22
C TRP A 61 8.46 13.12 5.64
N GLU A 62 8.55 14.09 4.78
CA GLU A 62 8.11 15.46 5.09
C GLU A 62 6.68 15.63 4.59
N PRO A 63 5.76 16.23 5.36
CA PRO A 63 4.42 16.47 4.88
C PRO A 63 4.50 17.39 3.70
N PHE A 64 3.74 17.01 2.67
CA PHE A 64 3.72 17.70 1.37
C PHE A 64 2.36 18.31 1.06
N ALA A 65 1.28 17.52 1.17
CA ALA A 65 -0.07 18.03 0.92
C ALA A 65 -1.06 17.08 1.56
N SER A 66 -2.28 17.57 1.75
CA SER A 66 -3.34 16.65 2.19
C SER A 66 -4.71 17.15 1.72
N GLY A 67 -5.70 16.27 1.74
CA GLY A 67 -7.05 16.64 1.37
C GLY A 67 -7.98 15.46 1.59
N LYS A 68 -9.20 15.59 1.09
CA LYS A 68 -10.12 14.44 1.19
C LYS A 68 -10.93 14.34 -0.08
N THR A 69 -11.35 13.11 -0.37
CA THR A 69 -12.11 12.88 -1.60
C THR A 69 -13.51 13.49 -1.50
N SER A 70 -13.97 13.97 -2.64
CA SER A 70 -15.27 14.62 -2.81
C SER A 70 -16.39 13.58 -2.96
N GLU A 71 -17.58 14.07 -3.28
CA GLU A 71 -18.75 13.20 -3.55
C GLU A 71 -18.49 12.31 -4.75
N SER A 72 -17.56 12.66 -5.64
CA SER A 72 -17.25 11.85 -6.84
C SER A 72 -16.14 10.80 -6.52
N GLY A 73 -15.63 10.80 -5.29
CA GLY A 73 -14.48 9.97 -4.91
C GLY A 73 -13.15 10.52 -5.37
N GLU A 74 -13.11 11.77 -5.82
CA GLU A 74 -11.89 12.35 -6.41
C GLU A 74 -11.35 13.42 -5.48
N LEU A 75 -10.04 13.56 -5.48
CA LEU A 75 -9.31 14.60 -4.73
C LEU A 75 -8.41 15.33 -5.72
N HIS A 76 -8.78 16.59 -5.93
CA HIS A 76 -8.12 17.56 -6.83
C HIS A 76 -7.45 18.62 -5.96
N GLY A 77 -6.51 19.34 -6.55
CA GLY A 77 -5.95 20.54 -5.90
C GLY A 77 -4.94 20.24 -4.84
N LEU A 78 -4.39 19.04 -4.77
CA LEU A 78 -3.33 18.76 -3.78
C LEU A 78 -2.11 19.68 -3.97
N THR A 79 -1.67 19.89 -5.21
CA THR A 79 -0.39 20.61 -5.44
C THR A 79 -0.46 21.36 -6.74
N THR A 80 0.66 21.99 -7.06
CA THR A 80 0.85 22.78 -8.29
C THR A 80 1.97 22.14 -9.10
N GLU A 81 2.03 22.50 -10.36
CA GLU A 81 3.17 22.14 -11.23
C GLU A 81 4.47 22.65 -10.61
N GLU A 82 4.49 23.88 -10.09
CA GLU A 82 5.75 24.45 -9.57
C GLU A 82 6.21 23.70 -8.35
N GLU A 83 5.28 23.35 -7.44
CA GLU A 83 5.67 22.79 -6.16
C GLU A 83 5.93 21.28 -6.23
N PHE A 84 5.33 20.62 -7.22
CA PHE A 84 5.44 19.15 -7.40
C PHE A 84 6.74 18.80 -8.14
N VAL A 85 7.84 18.96 -7.45
CA VAL A 85 9.16 18.76 -8.06
C VAL A 85 9.50 17.28 -8.06
N GLU A 86 10.56 16.89 -8.74
N GLU A 86 10.68 16.94 -8.54
CA GLU A 86 11.10 15.52 -8.58
CA GLU A 86 11.17 15.55 -8.52
C GLU A 86 11.10 15.13 -7.11
C GLU A 86 11.33 15.08 -7.07
N GLY A 87 10.98 13.84 -6.82
CA GLY A 87 11.19 13.32 -5.50
C GLY A 87 10.56 11.95 -5.37
N ILE A 88 10.67 11.37 -4.22
CA ILE A 88 9.95 10.14 -3.84
C ILE A 88 8.77 10.56 -2.98
N TYR A 89 7.58 10.28 -3.45
CA TYR A 89 6.33 10.67 -2.81
C TYR A 89 5.64 9.46 -2.21
N LYS A 90 5.01 9.68 -1.08
CA LYS A 90 4.14 8.70 -0.40
C LYS A 90 2.73 9.26 -0.30
N VAL A 91 1.78 8.61 -0.96
CA VAL A 91 0.34 8.94 -0.87
C VAL A 91 -0.27 7.97 0.10
N GLU A 92 -0.60 8.47 1.29
N GLU A 92 -0.68 8.47 1.26
CA GLU A 92 -1.25 7.67 2.33
CA GLU A 92 -1.23 7.63 2.33
C GLU A 92 -2.75 7.90 2.22
C GLU A 92 -2.74 7.84 2.39
N ILE A 93 -3.49 6.82 1.99
CA ILE A 93 -4.95 6.86 1.85
C ILE A 93 -5.48 6.31 3.16
N ASP A 94 -6.22 7.14 3.90
CA ASP A 94 -6.59 6.75 5.30
C ASP A 94 -7.81 5.83 5.29
N THR A 95 -7.62 4.58 4.85
CA THR A 95 -8.69 3.60 4.71
C THR A 95 -9.31 3.25 6.07
N LYS A 96 -8.53 3.14 7.13
CA LYS A 96 -9.11 2.74 8.44
C LYS A 96 -10.07 3.84 8.89
N SER A 97 -9.64 5.09 8.79
CA SER A 97 -10.54 6.19 9.20
C SER A 97 -11.80 6.19 8.36
N TYR A 98 -11.70 5.86 7.06
CA TYR A 98 -12.85 5.79 6.15
C TYR A 98 -13.82 4.71 6.62
N TRP A 99 -13.32 3.49 6.84
CA TRP A 99 -14.22 2.39 7.25
C TRP A 99 -14.76 2.65 8.67
N LYS A 100 -13.92 3.11 9.59
CA LYS A 100 -14.45 3.35 10.99
C LYS A 100 -15.56 4.39 10.94
N ALA A 101 -15.45 5.40 10.09
CA ALA A 101 -16.49 6.46 9.98
C ALA A 101 -17.78 5.86 9.44
N LEU A 102 -17.78 4.72 8.76
CA LEU A 102 -18.99 3.98 8.32
C LEU A 102 -19.39 2.91 9.35
N GLY A 103 -18.65 2.84 10.45
CA GLY A 103 -18.91 1.92 11.58
C GLY A 103 -18.46 0.51 11.30
N ILE A 104 -17.52 0.35 10.37
CA ILE A 104 -16.94 -0.97 9.97
C ILE A 104 -15.54 -1.05 10.56
N SER A 105 -15.18 -2.22 11.13
N SER A 105 -15.15 -2.22 11.08
CA SER A 105 -13.83 -2.55 11.64
CA SER A 105 -13.80 -2.45 11.63
C SER A 105 -12.98 -3.12 10.51
C SER A 105 -12.93 -3.12 10.57
N PRO A 106 -12.08 -2.35 9.86
CA PRO A 106 -11.33 -2.90 8.74
C PRO A 106 -9.98 -3.48 9.15
N PHE A 107 -9.27 -4.07 8.20
CA PHE A 107 -8.01 -4.78 8.52
C PHE A 107 -6.85 -3.78 8.50
N HIS A 108 -6.69 -3.00 7.45
CA HIS A 108 -5.45 -2.22 7.26
C HIS A 108 -5.51 -0.91 8.04
N GLU A 109 -4.36 -0.38 8.38
CA GLU A 109 -4.27 0.98 8.97
C GLU A 109 -4.50 2.01 7.87
N HIS A 110 -3.91 1.84 6.71
CA HIS A 110 -4.01 2.78 5.59
C HIS A 110 -3.51 2.05 4.38
N ALA A 111 -3.58 2.65 3.22
CA ALA A 111 -2.95 2.13 2.00
C ALA A 111 -1.91 3.16 1.60
N GLU A 112 -0.66 2.79 1.49
CA GLU A 112 0.48 3.67 1.15
C GLU A 112 0.85 3.38 -0.28
N VAL A 113 0.99 4.43 -1.05
CA VAL A 113 1.43 4.31 -2.45
C VAL A 113 2.70 5.15 -2.58
N VAL A 114 3.83 4.49 -2.77
CA VAL A 114 5.17 5.18 -2.75
C VAL A 114 5.81 5.07 -4.13
N PHE A 115 6.21 6.18 -4.70
CA PHE A 115 6.73 6.23 -6.07
C PHE A 115 7.67 7.40 -6.26
N THR A 116 8.61 7.27 -7.16
CA THR A 116 9.39 8.39 -7.71
C THR A 116 8.57 9.15 -8.72
N ALA A 117 8.51 10.46 -8.64
CA ALA A 117 7.75 11.30 -9.57
C ALA A 117 8.67 12.27 -10.30
N ASN A 118 8.32 12.57 -11.53
CA ASN A 118 8.91 13.62 -12.38
C ASN A 118 10.39 13.39 -12.67
N ASP A 119 10.91 12.18 -12.65
N ASP A 119 10.92 12.19 -12.63
CA ASP A 119 12.36 11.98 -12.89
CA ASP A 119 12.38 12.06 -12.84
C ASP A 119 12.70 12.12 -14.39
C ASP A 119 12.71 11.97 -14.35
N SER A 120 11.72 12.02 -15.27
CA SER A 120 11.90 12.19 -16.74
C SER A 120 11.18 13.46 -17.16
N GLY A 121 11.01 14.42 -16.27
CA GLY A 121 10.29 15.66 -16.50
C GLY A 121 8.90 15.57 -15.89
N PRO A 122 8.17 16.66 -15.90
CA PRO A 122 6.85 16.73 -15.30
C PRO A 122 5.88 15.74 -15.94
N ARG A 123 5.17 15.01 -15.07
CA ARG A 123 4.05 14.17 -15.48
C ARG A 123 2.84 14.46 -14.62
N ARG A 124 1.70 14.00 -15.09
CA ARG A 124 0.44 14.05 -14.30
C ARG A 124 0.14 12.63 -13.82
N TYR A 125 -0.05 12.51 -12.50
CA TYR A 125 -0.25 11.23 -11.81
C TYR A 125 -1.66 11.15 -11.26
N THR A 126 -2.38 10.11 -11.61
CA THR A 126 -3.61 9.72 -10.88
C THR A 126 -3.33 8.44 -10.12
N ILE A 127 -3.52 8.49 -8.82
CA ILE A 127 -3.46 7.30 -7.93
C ILE A 127 -4.89 6.86 -7.69
N ALA A 128 -5.26 5.71 -8.21
CA ALA A 128 -6.62 5.19 -8.10
C ALA A 128 -6.58 4.05 -7.09
N ALA A 129 -7.63 3.91 -6.32
CA ALA A 129 -7.73 2.83 -5.33
C ALA A 129 -9.16 2.32 -5.25
N LEU A 130 -9.29 1.04 -4.95
CA LEU A 130 -10.54 0.32 -4.81
C LEU A 130 -10.53 -0.38 -3.45
N LEU A 131 -11.45 -0.02 -2.59
CA LEU A 131 -11.40 -0.44 -1.17
C LEU A 131 -12.44 -1.48 -0.82
N SER A 132 -12.01 -2.46 -0.04
CA SER A 132 -12.87 -3.42 0.70
C SER A 132 -12.38 -3.45 2.14
N PRO A 133 -13.16 -3.97 3.11
CA PRO A 133 -12.70 -3.90 4.47
C PRO A 133 -11.39 -4.65 4.72
N TYR A 134 -11.11 -5.74 4.01
CA TYR A 134 -9.88 -6.54 4.22
C TYR A 134 -8.99 -6.57 3.01
N SER A 135 -9.13 -5.63 2.06
N SER A 135 -9.23 -5.70 2.02
CA SER A 135 -8.39 -5.67 0.80
CA SER A 135 -8.43 -5.67 0.77
C SER A 135 -8.41 -4.32 0.12
C SER A 135 -8.39 -4.27 0.21
N TYR A 136 -7.40 -3.98 -0.60
CA TYR A 136 -7.48 -2.84 -1.52
C TYR A 136 -6.64 -3.17 -2.73
N SER A 137 -7.00 -2.50 -3.82
N SER A 137 -6.99 -2.51 -3.82
CA SER A 137 -6.23 -2.46 -5.07
CA SER A 137 -6.17 -2.50 -5.04
C SER A 137 -5.81 -1.02 -5.29
C SER A 137 -5.87 -1.06 -5.40
N THR A 138 -4.67 -0.79 -5.91
CA THR A 138 -4.29 0.54 -6.33
C THR A 138 -3.58 0.48 -7.68
N THR A 139 -3.81 1.45 -8.54
CA THR A 139 -3.09 1.57 -9.82
C THR A 139 -2.70 3.02 -10.02
N ALA A 140 -1.80 3.25 -10.92
CA ALA A 140 -1.35 4.61 -11.30
C ALA A 140 -1.66 4.85 -12.76
N VAL A 141 -2.13 6.03 -13.04
CA VAL A 141 -2.29 6.50 -14.45
C VAL A 141 -1.35 7.69 -14.59
N VAL A 142 -0.33 7.53 -15.40
CA VAL A 142 0.73 8.55 -15.56
C VAL A 142 0.66 9.08 -16.98
N THR A 143 0.44 10.37 -17.14
CA THR A 143 0.32 10.95 -18.50
C THR A 143 1.33 12.09 -18.64
N ASN A 144 1.66 12.41 -19.88
CA ASN A 144 2.64 13.46 -20.25
C ASN A 144 1.84 14.57 -20.93
N PRO A 145 1.68 15.75 -20.31
CA PRO A 145 0.77 16.79 -20.84
C PRO A 145 1.00 17.13 -22.32
N CYS B 30 2.41 -21.19 12.55
CA CYS B 30 2.93 -20.09 11.67
C CYS B 30 1.92 -18.95 11.74
N PRO B 31 2.06 -17.96 12.63
CA PRO B 31 1.04 -16.93 12.75
C PRO B 31 0.98 -15.93 11.59
N LEU B 32 2.04 -15.85 10.81
CA LEU B 32 2.18 -14.81 9.77
C LEU B 32 2.83 -15.42 8.54
N MET B 33 2.12 -15.41 7.40
N MET B 33 2.14 -15.26 7.42
CA MET B 33 2.66 -15.91 6.10
CA MET B 33 2.59 -15.81 6.13
C MET B 33 2.36 -14.83 5.04
C MET B 33 2.41 -14.69 5.09
N VAL B 34 3.29 -14.65 4.11
CA VAL B 34 3.15 -13.70 2.98
C VAL B 34 3.17 -14.49 1.71
N LYS B 35 2.27 -14.18 0.77
N LYS B 35 2.21 -14.23 0.84
CA LYS B 35 2.08 -14.94 -0.50
CA LYS B 35 2.17 -14.85 -0.49
C LYS B 35 2.00 -13.90 -1.62
C LYS B 35 2.19 -13.73 -1.53
N VAL B 36 2.90 -13.94 -2.61
CA VAL B 36 3.02 -12.93 -3.68
C VAL B 36 2.85 -13.59 -5.02
N LEU B 37 2.00 -13.03 -5.84
CA LEU B 37 1.70 -13.51 -7.22
C LEU B 37 2.01 -12.43 -8.23
N ASP B 38 2.35 -12.85 -9.44
CA ASP B 38 2.71 -11.97 -10.56
C ASP B 38 1.63 -12.03 -11.62
N ALA B 39 0.99 -10.89 -11.85
CA ALA B 39 -0.16 -10.75 -12.76
C ALA B 39 0.28 -10.60 -14.20
N VAL B 40 1.55 -10.37 -14.51
CA VAL B 40 2.06 -10.24 -15.89
C VAL B 40 2.37 -11.64 -16.41
N ARG B 41 3.08 -12.44 -15.64
CA ARG B 41 3.53 -13.77 -16.07
C ARG B 41 2.51 -14.83 -15.67
N GLY B 42 1.60 -14.56 -14.74
CA GLY B 42 0.67 -15.61 -14.31
C GLY B 42 1.41 -16.66 -13.51
N SER B 43 2.25 -16.21 -12.57
N SER B 43 2.14 -16.25 -12.48
CA SER B 43 3.16 -17.09 -11.81
CA SER B 43 3.06 -17.16 -11.77
C SER B 43 3.05 -16.74 -10.32
C SER B 43 3.19 -16.69 -10.35
N PRO B 44 3.74 -17.51 -9.45
CA PRO B 44 4.18 -16.98 -8.18
C PRO B 44 5.25 -15.91 -8.47
N ALA B 45 5.37 -14.96 -7.56
CA ALA B 45 6.48 -13.98 -7.54
C ALA B 45 7.60 -14.54 -6.68
N ILE B 46 8.61 -15.03 -7.34
CA ILE B 46 9.71 -15.82 -6.73
C ILE B 46 10.88 -14.89 -6.35
N ASN B 47 11.46 -15.15 -5.17
CA ASN B 47 12.66 -14.45 -4.69
C ASN B 47 12.39 -12.96 -4.53
N VAL B 48 11.18 -12.63 -4.07
CA VAL B 48 10.84 -11.24 -3.65
C VAL B 48 11.33 -11.06 -2.22
N ALA B 49 12.05 -9.99 -1.95
CA ALA B 49 12.44 -9.63 -0.57
C ALA B 49 11.22 -9.06 0.15
N VAL B 50 11.02 -9.51 1.39
CA VAL B 50 9.92 -9.08 2.27
C VAL B 50 10.53 -8.74 3.61
N HIS B 51 10.27 -7.54 4.10
CA HIS B 51 10.68 -7.12 5.44
C HIS B 51 9.45 -6.80 6.25
N VAL B 52 9.43 -7.33 7.45
CA VAL B 52 8.35 -7.12 8.44
C VAL B 52 8.92 -6.31 9.59
N PHE B 53 8.18 -5.30 9.99
CA PHE B 53 8.48 -4.36 11.08
C PHE B 53 7.31 -4.33 12.04
N ARG B 54 7.60 -4.05 13.31
CA ARG B 54 6.59 -3.84 14.37
C ARG B 54 6.70 -2.40 14.86
N LYS B 55 5.59 -1.70 15.03
CA LYS B 55 5.62 -0.30 15.49
C LYS B 55 6.03 -0.28 16.96
N ALA B 56 7.07 0.49 17.27
CA ALA B 56 7.58 0.61 18.64
C ALA B 56 6.81 1.71 19.34
N ALA B 57 7.00 1.77 20.66
CA ALA B 57 6.39 2.80 21.53
C ALA B 57 6.64 4.22 21.02
N ASP B 58 7.82 4.51 20.47
CA ASP B 58 8.18 5.85 19.94
C ASP B 58 7.74 6.04 18.48
N ASP B 59 6.85 5.19 17.95
CA ASP B 59 6.28 5.27 16.58
C ASP B 59 7.30 4.94 15.48
N THR B 60 8.50 4.49 15.82
CA THR B 60 9.45 3.98 14.80
C THR B 60 9.09 2.53 14.41
N TRP B 61 9.56 2.09 13.27
CA TRP B 61 9.41 0.70 12.79
C TRP B 61 10.61 -0.15 13.19
N GLU B 62 10.40 -1.08 14.11
CA GLU B 62 11.48 -1.99 14.59
C GLU B 62 11.53 -3.21 13.67
N PRO B 63 12.69 -3.58 13.10
CA PRO B 63 12.79 -4.81 12.33
C PRO B 63 12.25 -5.96 13.16
N PHE B 64 11.53 -6.86 12.49
CA PHE B 64 10.81 -7.93 13.17
C PHE B 64 11.15 -9.27 12.52
N ALA B 65 11.09 -9.36 11.17
CA ALA B 65 11.36 -10.62 10.47
C ALA B 65 11.56 -10.26 9.01
N SER B 66 12.24 -11.14 8.31
CA SER B 66 12.40 -10.90 6.85
C SER B 66 12.75 -12.19 6.14
N GLY B 67 12.62 -12.18 4.81
CA GLY B 67 12.94 -13.35 4.02
C GLY B 67 12.67 -13.08 2.56
N LYS B 68 12.86 -14.10 1.75
CA LYS B 68 12.58 -14.03 0.30
C LYS B 68 11.51 -15.05 0.00
N THR B 69 10.56 -14.71 -0.89
CA THR B 69 9.53 -15.70 -1.26
C THR B 69 10.21 -16.89 -1.99
N SER B 70 9.60 -18.00 -1.77
CA SER B 70 10.01 -19.30 -2.35
C SER B 70 9.60 -19.41 -3.80
N GLU B 71 9.84 -20.59 -4.36
CA GLU B 71 9.41 -20.95 -5.71
C GLU B 71 7.89 -20.90 -5.82
N SER B 72 7.16 -21.07 -4.73
CA SER B 72 5.69 -21.02 -4.74
C SER B 72 5.18 -19.59 -4.42
N GLY B 73 6.09 -18.61 -4.32
CA GLY B 73 5.73 -17.21 -4.03
C GLY B 73 5.37 -17.05 -2.58
N GLU B 74 5.70 -17.99 -1.68
CA GLU B 74 5.30 -17.96 -0.27
C GLU B 74 6.52 -17.72 0.59
N LEU B 75 6.27 -17.04 1.69
CA LEU B 75 7.28 -16.86 2.75
C LEU B 75 6.65 -17.30 4.08
N HIS B 76 7.17 -18.42 4.57
CA HIS B 76 6.79 -19.15 5.80
C HIS B 76 7.88 -18.88 6.84
N GLY B 77 7.52 -19.15 8.10
CA GLY B 77 8.50 -19.21 9.20
C GLY B 77 9.02 -17.86 9.59
N LEU B 78 8.29 -16.79 9.32
CA LEU B 78 8.73 -15.45 9.73
C LEU B 78 8.77 -15.29 11.25
N THR B 79 7.82 -15.89 11.98
CA THR B 79 7.73 -15.66 13.44
C THR B 79 7.06 -16.86 14.10
N THR B 80 7.02 -16.80 15.42
CA THR B 80 6.38 -17.81 16.28
C THR B 80 5.23 -17.14 16.99
N GLU B 81 4.39 -17.98 17.56
CA GLU B 81 3.27 -17.51 18.41
C GLU B 81 3.83 -16.63 19.54
N GLU B 82 4.88 -17.08 20.22
CA GLU B 82 5.46 -16.34 21.37
C GLU B 82 5.92 -14.93 20.96
N GLU B 83 6.50 -14.75 19.77
CA GLU B 83 7.08 -13.43 19.38
C GLU B 83 6.02 -12.50 18.79
N PHE B 84 4.95 -13.07 18.23
CA PHE B 84 3.93 -12.32 17.46
C PHE B 84 2.83 -11.76 18.35
N VAL B 85 3.13 -10.70 19.07
CA VAL B 85 2.17 -10.09 20.03
C VAL B 85 1.29 -9.07 19.32
N GLU B 86 0.21 -8.67 19.97
CA GLU B 86 -0.68 -7.62 19.44
C GLU B 86 0.16 -6.39 19.13
N GLY B 87 -0.23 -5.68 18.08
CA GLY B 87 0.36 -4.38 17.75
C GLY B 87 0.19 -4.11 16.28
N ILE B 88 0.86 -3.09 15.84
CA ILE B 88 0.80 -2.64 14.42
C ILE B 88 2.02 -3.20 13.72
N TYR B 89 1.84 -3.87 12.58
CA TYR B 89 2.94 -4.45 11.79
C TYR B 89 2.90 -3.83 10.40
N LYS B 90 4.06 -3.74 9.80
CA LYS B 90 4.25 -3.29 8.41
C LYS B 90 4.98 -4.38 7.66
N VAL B 91 4.40 -4.83 6.55
CA VAL B 91 5.03 -5.81 5.64
C VAL B 91 5.44 -5.02 4.41
N GLU B 92 6.73 -4.91 4.18
CA GLU B 92 7.25 -4.20 3.01
C GLU B 92 7.71 -5.24 2.00
N ILE B 93 7.18 -5.13 0.79
CA ILE B 93 7.48 -6.08 -0.31
C ILE B 93 8.32 -5.31 -1.32
N ASP B 94 9.52 -5.82 -1.63
CA ASP B 94 10.47 -5.09 -2.50
C ASP B 94 10.09 -5.36 -3.97
N THR B 95 8.99 -4.80 -4.38
CA THR B 95 8.45 -4.98 -5.76
C THR B 95 9.41 -4.36 -6.78
N LYS B 96 10.04 -3.25 -6.48
CA LYS B 96 10.84 -2.54 -7.51
C LYS B 96 11.99 -3.48 -7.95
N SER B 97 12.71 -4.11 -7.01
CA SER B 97 13.81 -5.04 -7.36
C SER B 97 13.26 -6.21 -8.15
N TYR B 98 12.09 -6.72 -7.77
CA TYR B 98 11.49 -7.88 -8.44
C TYR B 98 11.34 -7.54 -9.93
N TRP B 99 10.70 -6.43 -10.25
CA TRP B 99 10.44 -6.05 -11.65
C TRP B 99 11.76 -5.78 -12.38
N LYS B 100 12.65 -5.08 -11.75
CA LYS B 100 13.92 -4.74 -12.48
C LYS B 100 14.69 -6.02 -12.79
N ALA B 101 14.64 -7.05 -11.95
CA ALA B 101 15.38 -8.30 -12.19
C ALA B 101 14.74 -9.02 -13.37
N LEU B 102 13.50 -8.72 -13.72
CA LEU B 102 12.82 -9.33 -14.89
C LEU B 102 12.96 -8.41 -16.11
N GLY B 103 13.65 -7.28 -15.98
CA GLY B 103 13.88 -6.33 -17.08
C GLY B 103 12.68 -5.43 -17.32
N ILE B 104 11.86 -5.18 -16.28
CA ILE B 104 10.61 -4.37 -16.42
C ILE B 104 10.73 -3.14 -15.54
N SER B 105 10.33 -1.99 -16.07
CA SER B 105 10.31 -0.70 -15.40
C SER B 105 9.05 -0.57 -14.56
N PRO B 106 9.15 -0.51 -13.24
CA PRO B 106 7.95 -0.44 -12.42
C PRO B 106 7.68 0.93 -11.84
N PHE B 107 6.49 1.14 -11.39
CA PHE B 107 6.05 2.46 -10.86
C PHE B 107 6.45 2.60 -9.37
N HIS B 108 6.17 1.63 -8.53
CA HIS B 108 6.26 1.81 -7.07
C HIS B 108 7.68 1.59 -6.59
N GLU B 109 8.05 2.25 -5.49
CA GLU B 109 9.32 1.98 -4.78
C GLU B 109 9.26 0.62 -4.10
N HIS B 110 8.10 0.27 -3.60
CA HIS B 110 7.85 -0.98 -2.83
C HIS B 110 6.36 -1.06 -2.61
N ALA B 111 5.83 -2.17 -2.10
CA ALA B 111 4.44 -2.28 -1.65
C ALA B 111 4.45 -2.43 -0.16
N GLU B 112 3.67 -1.66 0.56
CA GLU B 112 3.64 -1.70 2.03
C GLU B 112 2.27 -2.12 2.47
N VAL B 113 2.17 -3.06 3.40
CA VAL B 113 0.88 -3.48 3.95
C VAL B 113 0.94 -3.28 5.46
N VAL B 114 0.09 -2.44 5.99
CA VAL B 114 0.17 -2.02 7.42
C VAL B 114 -1.14 -2.39 8.09
N PHE B 115 -1.07 -3.09 9.20
CA PHE B 115 -2.27 -3.69 9.84
C PHE B 115 -2.07 -3.89 11.33
N THR B 116 -3.17 -4.01 12.07
CA THR B 116 -3.10 -4.36 13.51
C THR B 116 -3.37 -5.84 13.71
N ALA B 117 -2.50 -6.51 14.45
CA ALA B 117 -2.69 -7.89 14.92
C ALA B 117 -3.51 -7.75 16.21
N ASN B 118 -4.68 -8.39 16.23
N ASN B 118 -4.66 -8.42 16.29
CA ASN B 118 -5.65 -8.40 17.35
CA ASN B 118 -5.62 -8.30 17.42
C ASN B 118 -5.78 -9.86 17.79
C ASN B 118 -5.96 -9.73 17.85
N ASP B 119 -5.61 -10.12 19.08
CA ASP B 119 -5.96 -11.43 19.66
C ASP B 119 -7.45 -11.20 19.88
N SER B 120 -8.35 -12.04 19.43
CA SER B 120 -9.79 -11.65 19.36
C SER B 120 -10.31 -12.17 18.05
N GLY B 121 -9.82 -11.56 16.98
CA GLY B 121 -9.89 -12.12 15.63
C GLY B 121 -9.12 -13.44 15.60
N PRO B 122 -9.26 -14.19 14.50
CA PRO B 122 -8.53 -15.45 14.34
C PRO B 122 -7.01 -15.22 14.40
N ARG B 123 -6.28 -16.31 14.59
CA ARG B 123 -4.89 -16.24 15.07
C ARG B 123 -3.90 -16.35 13.91
N ARG B 124 -4.29 -16.79 12.69
CA ARG B 124 -3.32 -16.96 11.58
C ARG B 124 -3.58 -15.88 10.53
N TYR B 125 -2.55 -15.14 10.17
CA TYR B 125 -2.62 -14.03 9.19
C TYR B 125 -1.86 -14.43 7.94
N THR B 126 -2.53 -14.41 6.80
CA THR B 126 -1.88 -14.47 5.49
C THR B 126 -2.05 -13.11 4.83
N ILE B 127 -0.95 -12.50 4.47
CA ILE B 127 -0.94 -11.28 3.66
C ILE B 127 -0.63 -11.70 2.24
N ALA B 128 -1.56 -11.48 1.33
CA ALA B 128 -1.40 -11.86 -0.06
C ALA B 128 -1.32 -10.62 -0.94
N ALA B 129 -0.48 -10.66 -1.93
CA ALA B 129 -0.29 -9.51 -2.85
C ALA B 129 -0.24 -10.02 -4.27
N LEU B 130 -0.79 -9.26 -5.19
CA LEU B 130 -0.83 -9.57 -6.63
C LEU B 130 -0.23 -8.38 -7.34
N LEU B 131 0.86 -8.59 -8.04
CA LEU B 131 1.72 -7.51 -8.53
C LEU B 131 1.57 -7.31 -10.02
N SER B 132 1.49 -6.05 -10.46
CA SER B 132 1.68 -5.61 -11.84
C SER B 132 2.65 -4.42 -11.82
N PRO B 133 3.20 -4.01 -12.98
CA PRO B 133 4.21 -2.97 -12.94
C PRO B 133 3.70 -1.65 -12.40
N TYR B 134 2.46 -1.28 -12.65
CA TYR B 134 1.87 -0.01 -12.19
C TYR B 134 0.75 -0.19 -11.20
N SER B 135 0.64 -1.36 -10.58
N SER B 135 0.46 -1.42 -10.77
CA SER B 135 -0.54 -1.67 -9.76
CA SER B 135 -0.63 -1.71 -9.80
C SER B 135 -0.24 -2.81 -8.82
C SER B 135 -0.22 -2.79 -8.82
N TYR B 136 -0.88 -2.84 -7.67
CA TYR B 136 -0.94 -4.07 -6.89
C TYR B 136 -2.23 -4.11 -6.14
N SER B 137 -2.60 -5.34 -5.85
N SER B 137 -2.64 -5.33 -5.83
CA SER B 137 -3.77 -5.66 -5.00
CA SER B 137 -3.82 -5.59 -4.98
C SER B 137 -3.23 -6.37 -3.75
C SER B 137 -3.37 -6.47 -3.82
N THR B 138 -3.86 -6.22 -2.61
CA THR B 138 -3.47 -6.99 -1.43
C THR B 138 -4.72 -7.34 -0.67
N THR B 139 -4.76 -8.50 -0.04
CA THR B 139 -5.85 -8.91 0.82
C THR B 139 -5.25 -9.61 2.03
N ALA B 140 -6.10 -9.80 3.01
CA ALA B 140 -5.75 -10.54 4.25
C ALA B 140 -6.63 -11.76 4.34
N VAL B 141 -6.03 -12.87 4.71
CA VAL B 141 -6.82 -14.10 4.97
C VAL B 141 -6.50 -14.44 6.42
N VAL B 142 -7.47 -14.23 7.29
CA VAL B 142 -7.28 -14.35 8.75
C VAL B 142 -8.14 -15.52 9.22
N THR B 143 -7.52 -16.57 9.74
CA THR B 143 -8.26 -17.83 10.07
C THR B 143 -7.78 -18.45 11.39
N ASN B 144 -8.64 -19.33 11.97
CA ASN B 144 -8.56 -20.07 13.28
C ASN B 144 -8.68 -19.15 14.52
OAS JTK C . -10.13 8.40 -12.13
CAR JTK C . -11.34 8.04 -12.13
OAT JTK C . -12.33 8.82 -11.99
CAP JTK C . -11.71 6.61 -12.53
CAQ JTK C . -13.21 6.68 -12.89
CAN JTK C . -11.35 5.44 -11.68
CAO JTK C . -11.17 4.30 -12.45
CAK JTK C . -10.84 3.06 -11.94
FAL JTK C . -10.73 2.12 -12.75
CAM JTK C . -11.15 5.20 -10.29
CAI JTK C . -10.77 3.93 -9.76
CAJ JTK C . -10.67 2.81 -10.60
CAG JTK C . -10.27 1.50 -10.30
CAH JTK C . -9.11 1.25 -9.54
CAD JTK C . -8.68 -0.04 -9.31
CL1 JTK C . -7.22 -0.27 -8.38
CAC JTK C . -9.34 -1.15 -9.80
CAB JTK C . -10.45 -0.91 -10.61
CL2 JTK C . -11.31 -2.29 -11.25
CAF JTK C . -10.94 0.38 -10.84
OAS JTK D . -3.00 -20.53 -3.98
CAR JTK D . -2.32 -19.55 -4.31
OAT JTK D . -1.69 -19.45 -5.41
CAP JTK D . -2.21 -18.48 -3.20
CAQ JTK D . -2.83 -19.10 -1.95
CAN JTK D . -2.84 -17.25 -3.54
CAO JTK D . -2.19 -16.01 -3.41
CAK JTK D . -2.85 -14.79 -3.75
FAL JTK D . -2.22 -13.72 -3.64
CAM JTK D . -4.11 -17.21 -4.04
CAI JTK D . -4.75 -16.00 -4.41
CAJ JTK D . -4.15 -14.78 -4.26
CAG JTK D . -4.76 -13.57 -4.69
CAH JTK D . -5.61 -13.45 -5.81
CAD JTK D . -6.12 -12.22 -6.25
CL1 JTK D . -7.23 -11.99 -7.70
CAC JTK D . -5.81 -11.05 -5.61
CAB JTK D . -4.92 -11.20 -4.54
CL2 JTK D . -4.32 -9.92 -3.68
CAF JTK D . -4.40 -12.39 -4.13
#